data_5TWM
#
_entry.id   5TWM
#
_cell.length_a   64.687
_cell.length_b   89.816
_cell.length_c   216.745
_cell.angle_alpha   90.000
_cell.angle_beta   90.000
_cell.angle_gamma   90.000
#
_symmetry.space_group_name_H-M   'C 2 2 21'
#
loop_
_entity.id
_entity.type
_entity.pdbx_description
1 polymer 'NS5B RNA-dependent RNA POLYMERASE'
2 non-polymer 5-[3-(tert-butylcarbamoyl)phenyl]-6-(ethylamino)-2-(4-fluorophenyl)-N-methylfuro[2,3-b]pyridine-3-carboxamide
3 non-polymer 'SULFATE ION'
4 non-polymer 3,6,9,12,15,18,21,24-OCTAOXAHEXACOSAN-1-OL
5 non-polymer 'TETRAETHYLENE GLYCOL'
6 water water
#
_entity_poly.entity_id   1
_entity_poly.type   'polypeptide(L)'
_entity_poly.pdbx_seq_one_letter_code
;MSMSYSWTGALITPCSPEEEKLPINPLSNSSLRYHNKVYCTTSKSASQRAKKVTFDRTQVLDAHYDSVLKDIKLAASKVS
ARLLTLEEACQLTPPHSARSKYGFGAKEVRSLSGRAVNHIKSVWKDLLEDPQTPIPTTIMAKNEVFCVDPAKGGKKPARL
IVYPDLGVRVCEKMALYDITQKLPQAVMGASYGFQYSPAQRVEYLLKAWAEKKDPMGFSYDTRCFDSTVTERDIRTEESI
YQACSLPEEARTAIHSLTERLYVGGPMFNSKGQTCGYRRCRASGVLTTSMGNTITCYVKALAACKAAGIVAPTMLVCGDD
LVVISESQGTEEDERNLRAFTEAMTRYSAPPGDPPRPEYDLELITSCSSNVSVALGPRGRRRYYLTRDPTTPLARAAWET
VRHSPINSWLGNIIQYAPTIWVRMVLMTHFFSILMVQDTLDQNLNFEMYGSVYSVNPLDLPAIIERLHGLDAFSMHTYSH
HELTRVASALRKLGAPPLRVWKSRARAVRASLISRGGKAAVCGRYLFNWAVKTKLKLTPLPEARLLDLSSWFTVGAGGGD
IFHSVSRARPRSLL
;
_entity_poly.pdbx_strand_id   A
#
loop_
_chem_comp.id
_chem_comp.type
_chem_comp.name
_chem_comp.formula
7NG non-polymer 5-[3-(tert-butylcarbamoyl)phenyl]-6-(ethylamino)-2-(4-fluorophenyl)-N-methylfuro[2,3-b]pyridine-3-carboxamide 'C28 H29 F N4 O3'
PE5 non-polymer 3,6,9,12,15,18,21,24-OCTAOXAHEXACOSAN-1-OL 'C18 H38 O9'
PG4 non-polymer 'TETRAETHYLENE GLYCOL' 'C8 H18 O5'
SO4 non-polymer 'SULFATE ION' 'O4 S -2'
#
# COMPACT_ATOMS: atom_id res chain seq x y z
N SER A 2 -4.98 -26.42 7.67
CA SER A 2 -6.21 -26.43 6.87
C SER A 2 -5.99 -25.82 5.49
N MET A 3 -6.97 -25.98 4.59
CA MET A 3 -6.90 -25.40 3.24
C MET A 3 -7.22 -23.94 3.36
N SER A 4 -6.40 -23.06 2.77
CA SER A 4 -6.59 -21.59 2.79
C SER A 4 -7.97 -21.23 2.31
N TYR A 5 -8.47 -21.97 1.28
CA TYR A 5 -9.81 -21.81 0.71
C TYR A 5 -10.35 -23.14 0.27
N SER A 6 -11.69 -23.28 0.26
CA SER A 6 -12.41 -24.40 -0.35
C SER A 6 -13.31 -23.68 -1.37
N TRP A 7 -13.65 -24.31 -2.51
CA TRP A 7 -14.45 -23.70 -3.58
C TRP A 7 -15.63 -24.60 -3.96
N THR A 8 -16.77 -24.00 -4.33
CA THR A 8 -17.96 -24.74 -4.77
C THR A 8 -17.89 -25.05 -6.27
N GLY A 9 -17.15 -24.22 -7.02
CA GLY A 9 -17.06 -24.29 -8.47
C GLY A 9 -17.82 -23.16 -9.13
N ALA A 10 -18.58 -22.35 -8.35
CA ALA A 10 -19.26 -21.18 -8.91
C ALA A 10 -18.19 -20.17 -9.35
N LEU A 11 -18.40 -19.50 -10.49
CA LEU A 11 -17.47 -18.53 -11.03
C LEU A 11 -17.34 -17.30 -10.12
N ILE A 12 -16.15 -16.68 -10.11
CA ILE A 12 -15.97 -15.39 -9.47
C ILE A 12 -16.43 -14.43 -10.58
N THR A 13 -17.57 -13.76 -10.37
CA THR A 13 -18.14 -12.93 -11.43
C THR A 13 -17.85 -11.44 -11.33
N PRO A 14 -17.87 -10.70 -12.48
CA PRO A 14 -17.68 -9.25 -12.38
C PRO A 14 -19.01 -8.57 -12.09
N CYS A 15 -18.98 -7.30 -11.70
CA CYS A 15 -20.20 -6.51 -11.47
C CYS A 15 -20.29 -5.38 -12.52
N SER A 16 -19.13 -4.87 -12.97
CA SER A 16 -18.97 -3.77 -13.94
C SER A 16 -18.32 -4.25 -15.27
N PRO A 17 -18.41 -3.50 -16.41
CA PRO A 17 -17.77 -3.96 -17.65
C PRO A 17 -16.26 -4.07 -17.48
N GLU A 18 -15.63 -5.08 -18.11
CA GLU A 18 -14.17 -5.26 -17.99
C GLU A 18 -13.46 -5.13 -19.31
N GLU A 19 -12.28 -4.53 -19.28
CA GLU A 19 -11.46 -4.31 -20.46
C GLU A 19 -10.06 -4.80 -20.19
N GLU A 20 -9.59 -5.80 -20.97
CA GLU A 20 -8.24 -6.38 -20.82
C GLU A 20 -7.15 -5.48 -21.44
N LYS A 21 -7.44 -4.82 -22.58
CA LYS A 21 -6.48 -3.99 -23.30
C LYS A 21 -7.15 -2.80 -23.88
N LEU A 22 -6.43 -1.69 -24.00
CA LEU A 22 -6.95 -0.48 -24.62
C LEU A 22 -7.04 -0.74 -26.13
N PRO A 23 -7.94 -0.08 -26.88
CA PRO A 23 -8.00 -0.34 -28.34
C PRO A 23 -6.71 0.05 -29.06
N ILE A 24 -6.35 -0.72 -30.08
CA ILE A 24 -5.17 -0.46 -30.89
C ILE A 24 -5.53 0.50 -32.06
N ASN A 25 -4.62 1.41 -32.39
CA ASN A 25 -4.78 2.26 -33.56
C ASN A 25 -3.82 1.59 -34.55
N PRO A 26 -4.32 0.93 -35.62
CA PRO A 26 -3.42 0.22 -36.56
C PRO A 26 -2.40 1.09 -37.28
N LEU A 27 -2.61 2.41 -37.32
CA LEU A 27 -1.69 3.33 -37.99
C LEU A 27 -0.67 3.94 -37.05
N SER A 28 -0.60 3.41 -35.81
CA SER A 28 0.35 3.91 -34.83
C SER A 28 1.28 2.82 -34.29
N ASN A 29 2.60 3.01 -34.49
CA ASN A 29 3.57 2.07 -33.92
C ASN A 29 3.52 2.17 -32.40
N SER A 30 3.36 3.40 -31.84
CA SER A 30 3.26 3.62 -30.38
C SER A 30 2.09 2.82 -29.80
N SER A 31 0.92 2.88 -30.47
CA SER A 31 -0.29 2.15 -30.06
C SER A 31 -0.06 0.65 -30.02
N LEU A 32 0.71 0.12 -31.00
CA LEU A 32 1.06 -1.30 -31.07
C LEU A 32 2.00 -1.70 -29.90
N ARG A 33 3.00 -0.85 -29.62
CA ARG A 33 3.96 -1.09 -28.53
C ARG A 33 3.21 -1.18 -27.20
N TYR A 34 2.31 -0.23 -26.95
CA TYR A 34 1.52 -0.21 -25.73
C TYR A 34 0.65 -1.48 -25.63
N HIS A 35 -0.04 -1.85 -26.74
CA HIS A 35 -0.88 -3.05 -26.84
C HIS A 35 -0.10 -4.32 -26.56
N ASN A 36 1.13 -4.42 -27.06
CA ASN A 36 1.98 -5.59 -26.84
C ASN A 36 2.41 -5.73 -25.38
N LYS A 37 2.61 -4.60 -24.69
CA LYS A 37 3.18 -4.51 -23.34
C LYS A 37 2.20 -4.39 -22.17
N VAL A 38 1.05 -3.72 -22.34
CA VAL A 38 0.14 -3.41 -21.23
C VAL A 38 -1.13 -4.20 -21.24
N TYR A 39 -1.54 -4.65 -20.05
CA TYR A 39 -2.81 -5.35 -19.89
C TYR A 39 -3.44 -4.99 -18.53
N CYS A 40 -4.76 -5.19 -18.45
CA CYS A 40 -5.53 -5.03 -17.24
C CYS A 40 -6.05 -6.43 -16.82
N THR A 41 -5.86 -6.81 -15.54
CA THR A 41 -6.36 -8.10 -15.04
C THR A 41 -7.89 -8.01 -15.00
N THR A 42 -8.60 -9.12 -15.29
CA THR A 42 -10.08 -9.12 -15.26
C THR A 42 -10.53 -10.42 -14.58
N SER A 43 -11.84 -10.57 -14.33
CA SER A 43 -12.42 -11.78 -13.74
C SER A 43 -12.14 -13.05 -14.58
N LYS A 44 -11.75 -12.93 -15.88
CA LYS A 44 -11.39 -14.08 -16.74
C LYS A 44 -10.25 -14.93 -16.15
N SER A 45 -9.32 -14.31 -15.40
CA SER A 45 -8.20 -15.03 -14.79
C SER A 45 -8.41 -15.30 -13.28
N ALA A 46 -9.63 -15.06 -12.74
CA ALA A 46 -9.89 -15.29 -11.32
C ALA A 46 -9.65 -16.75 -10.86
N SER A 47 -9.99 -17.75 -11.70
CA SER A 47 -9.75 -19.16 -11.38
C SER A 47 -8.25 -19.50 -11.30
N GLN A 48 -7.41 -18.87 -12.18
CA GLN A 48 -5.97 -19.05 -12.16
C GLN A 48 -5.44 -18.52 -10.83
N ARG A 49 -5.91 -17.34 -10.39
CA ARG A 49 -5.49 -16.80 -9.09
C ARG A 49 -5.98 -17.71 -7.95
N ALA A 50 -7.26 -18.13 -7.99
CA ALA A 50 -7.82 -18.99 -6.93
C ALA A 50 -6.98 -20.25 -6.75
N LYS A 51 -6.52 -20.87 -7.86
CA LYS A 51 -5.66 -22.07 -7.80
C LYS A 51 -4.34 -21.77 -7.07
N LYS A 52 -3.69 -20.63 -7.40
CA LYS A 52 -2.42 -20.24 -6.80
C LYS A 52 -2.53 -20.02 -5.30
N VAL A 53 -3.61 -19.36 -4.86
CA VAL A 53 -3.82 -18.98 -3.45
C VAL A 53 -4.39 -20.12 -2.57
N THR A 54 -4.75 -21.27 -3.16
CA THR A 54 -5.35 -22.42 -2.46
C THR A 54 -4.33 -23.50 -2.14
N PHE A 55 -4.01 -23.67 -0.84
CA PHE A 55 -3.07 -24.71 -0.40
C PHE A 55 -3.26 -25.01 1.06
N ASP A 56 -2.67 -26.11 1.53
CA ASP A 56 -2.78 -26.48 2.94
C ASP A 56 -1.71 -25.74 3.72
N ARG A 57 -2.02 -25.32 4.96
CA ARG A 57 -1.02 -24.68 5.81
C ARG A 57 -0.74 -25.57 6.98
N THR A 58 0.54 -25.64 7.38
CA THR A 58 1.01 -26.29 8.60
C THR A 58 1.90 -25.26 9.33
N GLN A 59 1.89 -25.26 10.64
CA GLN A 59 2.74 -24.38 11.44
C GLN A 59 3.36 -25.16 12.52
N VAL A 60 4.64 -24.91 12.72
CA VAL A 60 5.41 -25.49 13.80
C VAL A 60 6.03 -24.30 14.50
N LEU A 61 5.50 -23.98 15.67
CA LEU A 61 6.02 -22.87 16.46
C LEU A 61 7.10 -23.41 17.37
N ASP A 62 7.87 -22.53 17.99
CA ASP A 62 8.98 -22.92 18.85
C ASP A 62 9.14 -21.88 19.94
N ALA A 63 10.13 -22.07 20.82
CA ALA A 63 10.43 -21.14 21.93
C ALA A 63 10.79 -19.73 21.46
N HIS A 64 11.41 -19.60 20.26
CA HIS A 64 11.78 -18.27 19.73
C HIS A 64 10.52 -17.49 19.39
N TYR A 65 9.57 -18.15 18.74
CA TYR A 65 8.28 -17.53 18.44
C TYR A 65 7.55 -17.12 19.72
N ASP A 66 7.48 -18.05 20.73
CA ASP A 66 6.75 -17.80 22.00
C ASP A 66 7.33 -16.59 22.73
N SER A 67 8.65 -16.46 22.74
CA SER A 67 9.34 -15.36 23.43
C SER A 67 9.08 -13.99 22.78
N VAL A 68 9.05 -13.94 21.44
CA VAL A 68 8.79 -12.72 20.68
C VAL A 68 7.34 -12.29 20.97
N LEU A 69 6.41 -13.23 20.85
CA LEU A 69 4.98 -12.99 21.11
C LEU A 69 4.75 -12.49 22.54
N LYS A 70 5.48 -13.06 23.51
CA LYS A 70 5.39 -12.64 24.91
C LYS A 70 5.77 -11.17 25.04
N ASP A 71 6.82 -10.72 24.34
CA ASP A 71 7.31 -9.34 24.36
C ASP A 71 6.32 -8.42 23.68
N ILE A 72 5.69 -8.89 22.58
CA ILE A 72 4.68 -8.08 21.85
C ILE A 72 3.47 -7.80 22.73
N LYS A 73 2.97 -8.82 23.43
CA LYS A 73 1.81 -8.65 24.33
C LYS A 73 2.12 -7.72 25.47
N LEU A 74 3.35 -7.77 25.98
CA LEU A 74 3.77 -6.86 27.05
C LEU A 74 3.81 -5.44 26.51
N ALA A 75 4.31 -5.25 25.27
CA ALA A 75 4.36 -3.92 24.67
C ALA A 75 2.93 -3.40 24.36
N ALA A 76 2.01 -4.29 23.97
CA ALA A 76 0.61 -3.93 23.67
C ALA A 76 -0.15 -3.47 24.94
N SER A 77 0.23 -3.99 26.12
CA SER A 77 -0.44 -3.67 27.41
C SER A 77 -0.27 -2.20 27.84
N LYS A 78 0.63 -1.47 27.16
CA LYS A 78 0.88 -0.06 27.43
C LYS A 78 -0.10 0.81 26.65
N VAL A 79 -0.90 0.18 25.76
CA VAL A 79 -1.86 0.86 24.90
C VAL A 79 -3.23 0.96 25.57
N SER A 80 -3.84 2.14 25.48
CA SER A 80 -5.23 2.36 25.91
C SER A 80 -6.01 2.77 24.64
N ALA A 81 -7.01 2.00 24.26
CA ALA A 81 -7.83 2.35 23.10
C ALA A 81 -9.33 2.41 23.39
N ARG A 82 -10.05 3.24 22.64
CA ARG A 82 -11.50 3.41 22.83
C ARG A 82 -12.29 3.05 21.58
N LEU A 83 -13.59 2.86 21.75
CA LEU A 83 -14.54 2.66 20.66
C LEU A 83 -14.63 3.94 19.88
N LEU A 84 -14.87 3.84 18.58
CA LEU A 84 -15.13 5.07 17.85
C LEU A 84 -16.63 5.28 17.99
N THR A 85 -17.12 6.53 17.87
CA THR A 85 -18.57 6.75 17.88
C THR A 85 -19.05 6.39 16.46
N LEU A 86 -20.38 6.18 16.28
CA LEU A 86 -20.93 5.91 14.95
C LEU A 86 -20.58 7.04 13.99
N GLU A 87 -20.66 8.29 14.47
CA GLU A 87 -20.37 9.52 13.74
C GLU A 87 -18.94 9.50 13.24
N GLU A 88 -17.99 9.13 14.12
CA GLU A 88 -16.57 9.04 13.74
C GLU A 88 -16.34 7.97 12.65
N ALA A 89 -16.91 6.76 12.85
CA ALA A 89 -16.79 5.64 11.90
C ALA A 89 -17.44 5.95 10.55
N CYS A 90 -18.57 6.70 10.56
CA CYS A 90 -19.24 7.09 9.31
C CYS A 90 -18.39 8.08 8.52
N GLN A 91 -17.71 9.02 9.19
CA GLN A 91 -16.87 10.01 8.53
C GLN A 91 -15.59 9.42 7.95
N LEU A 92 -15.18 8.23 8.42
CA LEU A 92 -14.02 7.52 7.89
C LEU A 92 -14.39 6.65 6.68
N THR A 93 -15.70 6.55 6.38
CA THR A 93 -16.19 5.77 5.24
C THR A 93 -15.97 6.53 3.91
N PRO A 94 -15.21 5.99 2.92
CA PRO A 94 -14.99 6.76 1.67
C PRO A 94 -16.31 7.06 0.93
N PRO A 95 -16.45 8.24 0.29
CA PRO A 95 -17.70 8.56 -0.42
C PRO A 95 -18.24 7.53 -1.40
N HIS A 96 -17.36 6.72 -2.01
CA HIS A 96 -17.88 5.77 -2.98
C HIS A 96 -17.65 4.30 -2.57
N SER A 97 -17.49 4.07 -1.26
CA SER A 97 -17.33 2.72 -0.64
C SER A 97 -18.48 1.78 -1.17
N ALA A 98 -18.19 0.51 -1.50
CA ALA A 98 -19.19 -0.43 -2.05
C ALA A 98 -20.48 -0.40 -1.20
N ARG A 99 -21.64 -0.17 -1.85
CA ARG A 99 -22.92 -0.07 -1.14
C ARG A 99 -23.33 -1.32 -0.38
N SER A 100 -24.25 -1.17 0.60
CA SER A 100 -24.77 -2.29 1.36
C SER A 100 -25.81 -3.03 0.55
N LYS A 101 -26.03 -4.29 0.91
CA LYS A 101 -27.06 -5.12 0.31
C LYS A 101 -28.40 -4.81 0.98
N TYR A 102 -28.37 -4.05 2.08
CA TYR A 102 -29.53 -3.70 2.89
C TYR A 102 -30.17 -2.32 2.58
N GLY A 103 -30.09 -1.90 1.32
CA GLY A 103 -30.75 -0.70 0.82
C GLY A 103 -30.18 0.66 1.17
N PHE A 104 -28.85 0.77 1.29
CA PHE A 104 -28.18 2.06 1.54
C PHE A 104 -26.75 1.96 1.06
N GLY A 105 -26.14 3.12 0.80
CA GLY A 105 -24.77 3.24 0.34
C GLY A 105 -23.96 4.13 1.25
N ALA A 106 -22.73 4.45 0.77
CA ALA A 106 -21.78 5.29 1.49
C ALA A 106 -22.32 6.69 1.72
N LYS A 107 -23.14 7.20 0.80
CA LYS A 107 -23.76 8.54 0.91
C LYS A 107 -24.68 8.60 2.16
N GLU A 108 -25.51 7.57 2.35
CA GLU A 108 -26.41 7.49 3.52
C GLU A 108 -25.62 7.26 4.81
N VAL A 109 -24.50 6.49 4.76
CA VAL A 109 -23.66 6.29 5.95
C VAL A 109 -23.04 7.63 6.38
N ARG A 110 -22.41 8.34 5.42
CA ARG A 110 -21.75 9.63 5.65
C ARG A 110 -22.72 10.73 6.14
N SER A 111 -23.99 10.70 5.67
CA SER A 111 -25.01 11.67 6.11
C SER A 111 -25.79 11.18 7.34
N LEU A 112 -25.48 9.94 7.82
CA LEU A 112 -26.14 9.35 8.97
C LEU A 112 -27.68 9.27 8.74
N SER A 113 -28.11 8.79 7.55
CA SER A 113 -29.54 8.63 7.25
C SER A 113 -30.07 7.57 8.21
N GLY A 114 -31.32 7.75 8.64
CA GLY A 114 -31.98 6.90 9.62
C GLY A 114 -31.88 5.42 9.34
N ARG A 115 -32.15 4.99 8.10
CA ARG A 115 -32.09 3.57 7.73
C ARG A 115 -30.66 2.98 7.87
N ALA A 116 -29.61 3.71 7.38
CA ALA A 116 -28.20 3.29 7.46
C ALA A 116 -27.78 3.12 8.90
N VAL A 117 -28.04 4.15 9.73
CA VAL A 117 -27.71 4.21 11.14
C VAL A 117 -28.34 3.06 11.91
N ASN A 118 -29.62 2.73 11.62
CA ASN A 118 -30.31 1.69 12.36
C ASN A 118 -29.94 0.30 11.89
N HIS A 119 -29.54 0.19 10.62
CA HIS A 119 -29.05 -1.10 10.13
C HIS A 119 -27.70 -1.38 10.81
N ILE A 120 -26.83 -0.36 10.92
CA ILE A 120 -25.52 -0.45 11.59
C ILE A 120 -25.71 -0.74 13.08
N LYS A 121 -26.82 -0.24 13.67
CA LYS A 121 -27.14 -0.54 15.08
C LYS A 121 -27.40 -2.02 15.22
N SER A 122 -28.17 -2.63 14.27
CA SER A 122 -28.48 -4.07 14.29
C SER A 122 -27.22 -4.92 14.13
N VAL A 123 -26.31 -4.52 13.23
CA VAL A 123 -25.05 -5.27 13.03
C VAL A 123 -24.23 -5.24 14.32
N TRP A 124 -24.07 -4.05 14.92
CA TRP A 124 -23.31 -3.89 16.17
C TRP A 124 -23.88 -4.74 17.29
N LYS A 125 -25.21 -4.63 17.54
CA LYS A 125 -25.90 -5.42 18.58
C LYS A 125 -25.74 -6.92 18.32
N ASP A 126 -25.83 -7.35 17.05
CA ASP A 126 -25.68 -8.77 16.70
C ASP A 126 -24.20 -9.23 16.94
N LEU A 127 -23.20 -8.33 16.74
CA LEU A 127 -21.79 -8.67 17.06
C LEU A 127 -21.65 -8.87 18.57
N LEU A 128 -22.35 -8.06 19.37
CA LEU A 128 -22.26 -8.17 20.84
C LEU A 128 -22.95 -9.41 21.35
N GLU A 129 -24.04 -9.79 20.68
CA GLU A 129 -24.91 -10.90 21.04
C GLU A 129 -24.39 -12.26 20.59
N ASP A 130 -23.82 -12.32 19.38
CA ASP A 130 -23.43 -13.56 18.77
C ASP A 130 -21.93 -13.59 18.46
N PRO A 131 -21.17 -14.48 19.13
CA PRO A 131 -19.70 -14.53 18.90
C PRO A 131 -19.29 -15.57 17.85
N GLN A 132 -20.23 -16.27 17.22
CA GLN A 132 -19.82 -17.41 16.42
C GLN A 132 -20.34 -17.55 14.99
N THR A 133 -21.52 -17.04 14.65
CA THR A 133 -22.03 -17.28 13.29
C THR A 133 -21.13 -16.65 12.21
N PRO A 134 -20.59 -17.43 11.25
CA PRO A 134 -19.74 -16.79 10.22
C PRO A 134 -20.46 -15.68 9.46
N ILE A 135 -19.77 -14.57 9.22
CA ILE A 135 -20.32 -13.43 8.52
C ILE A 135 -20.04 -13.66 7.03
N PRO A 136 -21.07 -13.50 6.15
CA PRO A 136 -20.82 -13.70 4.72
C PRO A 136 -19.95 -12.60 4.14
N THR A 137 -19.21 -12.94 3.09
CA THR A 137 -18.37 -11.99 2.39
C THR A 137 -18.58 -12.14 0.89
N THR A 138 -18.16 -11.09 0.15
CA THR A 138 -18.20 -11.13 -1.32
C THR A 138 -16.74 -11.29 -1.76
N ILE A 139 -16.53 -12.09 -2.82
CA ILE A 139 -15.23 -12.27 -3.45
C ILE A 139 -15.32 -11.64 -4.85
N MET A 140 -14.34 -10.78 -5.24
CA MET A 140 -14.32 -10.11 -6.55
C MET A 140 -12.91 -10.16 -7.09
N ALA A 141 -12.76 -10.12 -8.41
CA ALA A 141 -11.44 -10.05 -9.06
C ALA A 141 -11.08 -8.56 -9.28
N LYS A 142 -9.87 -8.15 -8.90
CA LYS A 142 -9.47 -6.73 -9.09
C LYS A 142 -9.11 -6.45 -10.53
N ASN A 143 -9.31 -5.21 -10.96
CA ASN A 143 -8.95 -4.75 -12.31
C ASN A 143 -7.75 -3.84 -12.14
N GLU A 144 -6.56 -4.38 -12.37
CA GLU A 144 -5.31 -3.61 -12.23
C GLU A 144 -4.50 -3.77 -13.47
N VAL A 145 -3.82 -2.68 -13.81
CA VAL A 145 -2.97 -2.58 -15.00
C VAL A 145 -1.51 -2.95 -14.70
N PHE A 146 -0.94 -3.83 -15.53
CA PHE A 146 0.47 -4.23 -15.40
C PHE A 146 1.14 -4.25 -16.73
N CYS A 147 2.45 -4.55 -16.74
CA CYS A 147 3.26 -4.73 -17.93
C CYS A 147 3.80 -6.10 -18.03
N VAL A 148 3.85 -6.62 -19.24
CA VAL A 148 4.42 -7.94 -19.46
C VAL A 148 5.92 -7.90 -19.12
N ASP A 149 6.40 -8.91 -18.35
CA ASP A 149 7.78 -9.10 -17.88
C ASP A 149 8.38 -7.84 -17.25
N GLY A 154 5.03 -13.82 -18.46
CA GLY A 154 3.71 -13.73 -19.07
C GLY A 154 2.81 -12.69 -18.44
N LYS A 155 1.58 -13.11 -18.06
CA LYS A 155 0.58 -12.24 -17.44
C LYS A 155 0.19 -12.70 -16.02
N LYS A 156 0.06 -11.75 -15.08
CA LYS A 156 -0.37 -12.05 -13.73
C LYS A 156 -1.89 -12.23 -13.74
N PRO A 157 -2.45 -13.23 -13.02
CA PRO A 157 -3.92 -13.29 -12.93
C PRO A 157 -4.42 -12.20 -11.98
N ALA A 158 -5.70 -11.86 -12.04
CA ALA A 158 -6.30 -10.84 -11.19
C ALA A 158 -6.11 -11.17 -9.71
N ARG A 159 -5.84 -10.15 -8.88
CA ARG A 159 -5.79 -10.38 -7.44
C ARG A 159 -7.24 -10.46 -6.97
N LEU A 160 -7.52 -11.19 -5.91
CA LEU A 160 -8.89 -11.31 -5.45
C LEU A 160 -9.12 -10.48 -4.19
N ILE A 161 -10.27 -9.86 -4.08
CA ILE A 161 -10.60 -9.12 -2.86
C ILE A 161 -11.81 -9.79 -2.21
N VAL A 162 -11.75 -10.03 -0.89
CA VAL A 162 -12.79 -10.67 -0.09
C VAL A 162 -13.20 -9.66 0.99
N TYR A 163 -14.47 -9.23 1.00
CA TYR A 163 -14.88 -8.19 1.93
C TYR A 163 -16.30 -8.38 2.44
N PRO A 164 -16.59 -7.89 3.68
CA PRO A 164 -17.96 -8.01 4.21
C PRO A 164 -18.78 -6.80 3.79
N ASP A 165 -20.06 -6.83 4.15
CA ASP A 165 -21.01 -5.77 3.78
C ASP A 165 -20.64 -4.46 4.44
N LEU A 166 -21.00 -3.35 3.81
CA LEU A 166 -20.80 -2.00 4.31
C LEU A 166 -21.18 -1.87 5.80
N GLY A 167 -22.34 -2.43 6.23
CA GLY A 167 -22.76 -2.38 7.64
C GLY A 167 -21.69 -2.95 8.57
N VAL A 168 -21.13 -4.09 8.19
CA VAL A 168 -20.03 -4.73 8.95
C VAL A 168 -18.75 -3.84 8.97
N ARG A 169 -18.39 -3.25 7.80
CA ARG A 169 -17.17 -2.44 7.68
C ARG A 169 -17.19 -1.22 8.59
N VAL A 170 -18.37 -0.59 8.77
CA VAL A 170 -18.49 0.55 9.68
C VAL A 170 -18.29 0.05 11.13
N CYS A 171 -18.84 -1.12 11.49
CA CYS A 171 -18.68 -1.71 12.86
C CYS A 171 -17.20 -2.03 13.16
N GLU A 172 -16.48 -2.51 12.14
CA GLU A 172 -15.02 -2.79 12.29
C GLU A 172 -14.29 -1.53 12.74
N LYS A 173 -14.66 -0.37 12.16
CA LYS A 173 -14.06 0.94 12.50
C LYS A 173 -14.37 1.32 13.94
N MET A 174 -15.65 1.19 14.36
CA MET A 174 -16.02 1.49 15.75
C MET A 174 -15.22 0.64 16.72
N ALA A 175 -15.08 -0.65 16.43
CA ALA A 175 -14.39 -1.58 17.31
C ALA A 175 -12.87 -1.49 17.30
N LEU A 176 -12.25 -1.23 16.13
CA LEU A 176 -10.81 -1.36 15.99
C LEU A 176 -10.02 -0.24 15.39
N TYR A 177 -10.66 0.82 14.90
CA TYR A 177 -9.91 1.93 14.29
C TYR A 177 -8.89 2.57 15.26
N ASP A 178 -9.29 2.83 16.52
CA ASP A 178 -8.35 3.42 17.49
C ASP A 178 -7.13 2.51 17.68
N ILE A 179 -7.35 1.18 17.78
CA ILE A 179 -6.27 0.20 17.89
C ILE A 179 -5.31 0.35 16.69
N THR A 180 -5.84 0.50 15.45
CA THR A 180 -5.00 0.64 14.25
C THR A 180 -4.08 1.87 14.33
N GLN A 181 -4.54 2.93 15.02
CA GLN A 181 -3.79 4.18 15.16
C GLN A 181 -2.71 4.12 16.23
N LYS A 182 -2.81 3.20 17.18
CA LYS A 182 -1.91 3.15 18.34
C LYS A 182 -1.09 1.90 18.47
N LEU A 183 -1.70 0.75 18.27
CA LEU A 183 -1.04 -0.54 18.51
C LEU A 183 0.25 -0.80 17.68
N PRO A 184 0.26 -0.68 16.34
CA PRO A 184 1.47 -1.05 15.57
C PRO A 184 2.75 -0.38 16.07
N GLN A 185 2.72 0.94 16.29
CA GLN A 185 3.88 1.70 16.79
C GLN A 185 4.30 1.23 18.17
N ALA A 186 3.35 0.95 19.07
CA ALA A 186 3.63 0.50 20.42
C ALA A 186 4.33 -0.85 20.49
N VAL A 187 4.03 -1.80 19.57
CA VAL A 187 4.62 -3.13 19.60
C VAL A 187 5.86 -3.26 18.70
N MET A 188 5.94 -2.45 17.65
CA MET A 188 7.01 -2.53 16.67
C MET A 188 8.02 -1.40 16.71
N GLY A 189 7.67 -0.28 17.36
CA GLY A 189 8.56 0.88 17.38
C GLY A 189 8.94 1.35 15.98
N ALA A 190 10.24 1.53 15.76
CA ALA A 190 10.79 2.03 14.50
C ALA A 190 10.60 1.07 13.30
N SER A 191 10.32 -0.20 13.56
CA SER A 191 10.11 -1.24 12.50
C SER A 191 8.81 -1.08 11.76
N TYR A 192 7.84 -0.35 12.36
CA TYR A 192 6.52 -0.17 11.78
C TYR A 192 6.65 0.72 10.57
N GLY A 193 6.40 0.14 9.41
CA GLY A 193 6.62 0.81 8.13
C GLY A 193 5.70 1.93 7.74
N PHE A 194 4.50 2.01 8.30
CA PHE A 194 3.53 3.04 7.89
C PHE A 194 3.64 4.38 8.61
N GLN A 195 4.58 4.55 9.52
CA GLN A 195 4.75 5.80 10.28
C GLN A 195 5.62 6.84 9.58
N TYR A 196 6.22 6.46 8.45
CA TYR A 196 7.18 7.30 7.80
C TYR A 196 6.75 7.99 6.52
N SER A 197 7.18 9.23 6.38
CA SER A 197 7.10 9.96 5.13
C SER A 197 8.26 9.33 4.29
N PRO A 198 8.30 9.44 2.94
CA PRO A 198 9.43 8.84 2.19
C PRO A 198 10.81 9.32 2.63
N ALA A 199 10.96 10.63 2.92
CA ALA A 199 12.25 11.17 3.39
C ALA A 199 12.63 10.54 4.74
N GLN A 200 11.65 10.35 5.63
CA GLN A 200 11.91 9.71 6.94
C GLN A 200 12.25 8.24 6.78
N ARG A 201 11.62 7.55 5.81
CA ARG A 201 11.90 6.14 5.56
C ARG A 201 13.36 5.99 5.09
N VAL A 202 13.79 6.83 4.14
CA VAL A 202 15.16 6.84 3.59
C VAL A 202 16.13 7.08 4.75
N GLU A 203 15.87 8.11 5.58
CA GLU A 203 16.71 8.44 6.75
C GLU A 203 16.86 7.24 7.66
N TYR A 204 15.72 6.54 7.97
CA TYR A 204 15.75 5.34 8.80
C TYR A 204 16.64 4.24 8.20
N LEU A 205 16.53 3.99 6.88
CA LEU A 205 17.35 2.97 6.21
C LEU A 205 18.83 3.35 6.20
N LEU A 206 19.14 4.62 5.94
CA LEU A 206 20.53 5.07 5.95
C LEU A 206 21.15 4.94 7.33
N LYS A 207 20.34 5.20 8.38
CA LYS A 207 20.81 5.10 9.77
C LYS A 207 21.03 3.64 10.13
N ALA A 208 20.05 2.76 9.77
CA ALA A 208 20.17 1.33 10.02
C ALA A 208 21.43 0.76 9.35
N TRP A 209 21.72 1.19 8.11
CA TRP A 209 22.89 0.76 7.34
C TRP A 209 24.17 1.25 8.01
N ALA A 210 24.21 2.55 8.42
CA ALA A 210 25.37 3.17 9.09
C ALA A 210 25.68 2.59 10.47
N GLU A 211 24.67 2.08 11.19
CA GLU A 211 24.84 1.48 12.52
C GLU A 211 25.64 0.18 12.51
N LYS A 212 25.64 -0.51 11.39
CA LYS A 212 26.36 -1.77 11.33
C LYS A 212 27.84 -1.56 11.04
N LYS A 213 28.71 -2.34 11.70
CA LYS A 213 30.16 -2.22 11.42
C LYS A 213 30.37 -2.72 10.00
N ASP A 214 29.65 -3.79 9.64
CA ASP A 214 29.77 -4.45 8.36
C ASP A 214 28.33 -4.83 7.95
N PRO A 215 27.57 -3.94 7.29
CA PRO A 215 26.15 -4.25 7.01
C PRO A 215 25.89 -5.24 5.87
N MET A 216 24.81 -5.99 6.04
CA MET A 216 24.25 -6.90 5.06
C MET A 216 22.74 -6.66 5.19
N GLY A 217 22.03 -6.56 4.08
CA GLY A 217 20.58 -6.41 4.08
C GLY A 217 19.92 -7.40 3.13
N PHE A 218 18.65 -7.76 3.41
CA PHE A 218 17.87 -8.59 2.50
C PHE A 218 16.40 -8.23 2.62
N SER A 219 15.69 -8.42 1.52
CA SER A 219 14.26 -8.28 1.51
C SER A 219 13.72 -9.71 1.56
N TYR A 220 12.57 -9.92 2.21
CA TYR A 220 11.99 -11.27 2.21
C TYR A 220 10.57 -11.17 1.70
N ASP A 221 10.29 -11.88 0.62
CA ASP A 221 8.96 -11.85 0.04
C ASP A 221 8.22 -13.18 0.20
N THR A 222 7.17 -13.18 1.06
CA THR A 222 6.37 -14.38 1.31
C THR A 222 5.49 -14.67 0.08
N ARG A 223 5.38 -15.94 -0.32
CA ARG A 223 4.52 -16.31 -1.45
C ARG A 223 3.05 -16.31 -0.95
N CYS A 224 2.14 -15.53 -1.59
CA CYS A 224 0.71 -15.47 -1.23
C CYS A 224 0.53 -15.24 0.28
N PHE A 225 1.10 -14.17 0.84
CA PHE A 225 1.06 -13.95 2.29
C PHE A 225 -0.32 -14.13 2.92
N ASP A 226 -1.38 -13.48 2.38
CA ASP A 226 -2.73 -13.62 2.94
C ASP A 226 -3.16 -15.07 3.12
N SER A 227 -2.88 -15.94 2.12
CA SER A 227 -3.22 -17.37 2.21
C SER A 227 -2.37 -18.10 3.20
N THR A 228 -1.14 -17.62 3.48
CA THR A 228 -0.28 -18.31 4.47
C THR A 228 -0.71 -18.00 5.92
N VAL A 229 -1.52 -16.93 6.10
CA VAL A 229 -2.01 -16.52 7.43
C VAL A 229 -3.01 -17.56 7.93
N THR A 230 -2.72 -18.22 9.06
CA THR A 230 -3.58 -19.27 9.59
C THR A 230 -4.68 -18.74 10.51
N GLU A 231 -5.65 -19.61 10.88
CA GLU A 231 -6.73 -19.24 11.83
C GLU A 231 -6.03 -18.93 13.16
N ARG A 232 -4.98 -19.71 13.47
CA ARG A 232 -4.21 -19.51 14.68
C ARG A 232 -3.48 -18.17 14.70
N ASP A 233 -2.83 -17.76 13.57
CA ASP A 233 -2.18 -16.44 13.45
C ASP A 233 -3.21 -15.34 13.76
N ILE A 234 -4.40 -15.50 13.21
CA ILE A 234 -5.52 -14.54 13.36
C ILE A 234 -6.06 -14.50 14.81
N ARG A 235 -6.14 -15.66 15.47
CA ARG A 235 -6.53 -15.69 16.89
C ARG A 235 -5.41 -15.08 17.75
N THR A 236 -4.14 -15.25 17.34
CA THR A 236 -3.00 -14.62 18.04
C THR A 236 -3.07 -13.09 17.89
N GLU A 237 -3.45 -12.58 16.70
CA GLU A 237 -3.64 -11.14 16.52
C GLU A 237 -4.69 -10.60 17.51
N GLU A 238 -5.77 -11.35 17.70
CA GLU A 238 -6.81 -10.98 18.68
C GLU A 238 -6.23 -10.91 20.11
N SER A 239 -5.40 -11.91 20.52
CA SER A 239 -4.80 -11.83 21.86
C SER A 239 -3.90 -10.61 22.00
N ILE A 240 -3.28 -10.14 20.91
CA ILE A 240 -2.47 -8.91 20.93
C ILE A 240 -3.42 -7.71 21.10
N TYR A 241 -4.51 -7.64 20.30
CA TYR A 241 -5.50 -6.55 20.46
C TYR A 241 -6.04 -6.53 21.89
N GLN A 242 -6.36 -7.70 22.45
CA GLN A 242 -6.91 -7.86 23.82
C GLN A 242 -5.91 -7.52 24.93
N ALA A 243 -4.59 -7.44 24.61
CA ALA A 243 -3.57 -7.11 25.60
C ALA A 243 -3.63 -5.63 25.92
N CYS A 244 -4.24 -4.82 25.03
CA CYS A 244 -4.50 -3.39 25.22
C CYS A 244 -5.53 -3.20 26.34
N SER A 245 -5.59 -1.98 26.90
CA SER A 245 -6.63 -1.62 27.85
C SER A 245 -7.82 -1.15 26.98
N LEU A 246 -8.93 -1.86 27.05
CA LEU A 246 -10.08 -1.58 26.20
C LEU A 246 -11.37 -1.59 27.00
N PRO A 247 -12.43 -0.85 26.60
CA PRO A 247 -13.72 -1.06 27.29
C PRO A 247 -14.27 -2.43 26.93
N GLU A 248 -15.03 -3.06 27.85
CA GLU A 248 -15.62 -4.39 27.68
C GLU A 248 -16.39 -4.57 26.37
N GLU A 249 -17.15 -3.54 25.95
CA GLU A 249 -17.93 -3.57 24.73
C GLU A 249 -16.99 -3.75 23.51
N ALA A 250 -15.85 -3.03 23.51
CA ALA A 250 -14.84 -3.18 22.44
C ALA A 250 -14.28 -4.59 22.43
N ARG A 251 -13.98 -5.15 23.62
CA ARG A 251 -13.44 -6.51 23.72
C ARG A 251 -14.39 -7.50 23.08
N THR A 252 -15.70 -7.37 23.37
CA THR A 252 -16.73 -8.26 22.85
C THR A 252 -16.81 -8.19 21.33
N ALA A 253 -16.93 -6.95 20.77
CA ALA A 253 -17.01 -6.76 19.32
C ALA A 253 -15.78 -7.29 18.63
N ILE A 254 -14.57 -7.03 19.20
CA ILE A 254 -13.29 -7.52 18.62
C ILE A 254 -13.27 -9.04 18.55
N HIS A 255 -13.71 -9.69 19.62
CA HIS A 255 -13.76 -11.15 19.66
C HIS A 255 -14.74 -11.73 18.63
N SER A 256 -15.96 -11.12 18.48
CA SER A 256 -16.93 -11.63 17.50
C SER A 256 -16.44 -11.41 16.10
N LEU A 257 -15.89 -10.23 15.80
CA LEU A 257 -15.33 -9.96 14.46
C LEU A 257 -14.18 -10.97 14.15
N THR A 258 -13.32 -11.29 15.15
CA THR A 258 -12.25 -12.28 14.93
C THR A 258 -12.85 -13.64 14.58
N GLU A 259 -13.77 -14.14 15.41
CA GLU A 259 -14.32 -15.47 15.23
C GLU A 259 -15.28 -15.63 14.04
N ARG A 260 -16.05 -14.58 13.73
CA ARG A 260 -17.07 -14.63 12.66
C ARG A 260 -16.61 -14.13 11.30
N LEU A 261 -15.53 -13.34 11.29
CA LEU A 261 -15.06 -12.72 10.06
C LEU A 261 -13.57 -12.90 9.81
N TYR A 262 -12.71 -12.42 10.73
CA TYR A 262 -11.27 -12.45 10.43
C TYR A 262 -10.69 -13.86 10.24
N VAL A 263 -11.13 -14.86 11.05
CA VAL A 263 -10.62 -16.25 10.98
C VAL A 263 -11.09 -16.97 9.71
N GLY A 264 -12.19 -16.53 9.13
CA GLY A 264 -12.74 -17.21 7.96
C GLY A 264 -14.23 -17.02 7.79
N GLY A 265 -14.78 -17.67 6.79
CA GLY A 265 -16.20 -17.60 6.54
C GLY A 265 -16.58 -17.91 5.11
N PRO A 266 -17.91 -17.94 4.83
CA PRO A 266 -18.37 -18.23 3.47
C PRO A 266 -18.16 -17.04 2.53
N MET A 267 -17.87 -17.33 1.25
CA MET A 267 -17.65 -16.31 0.21
C MET A 267 -18.70 -16.49 -0.84
N PHE A 268 -19.23 -15.38 -1.34
CA PHE A 268 -20.27 -15.35 -2.35
C PHE A 268 -19.82 -14.54 -3.54
N ASN A 269 -20.18 -14.97 -4.75
CA ASN A 269 -19.83 -14.15 -5.91
C ASN A 269 -20.82 -12.94 -6.02
N SER A 270 -20.60 -12.01 -7.00
CA SER A 270 -21.43 -10.81 -7.18
C SER A 270 -22.88 -11.12 -7.51
N LYS A 271 -23.15 -12.35 -7.94
CA LYS A 271 -24.49 -12.80 -8.29
C LYS A 271 -25.21 -13.39 -7.06
N GLY A 272 -24.50 -13.52 -5.94
CA GLY A 272 -25.09 -14.06 -4.72
C GLY A 272 -24.97 -15.56 -4.55
N GLN A 273 -24.20 -16.24 -5.42
CA GLN A 273 -24.02 -17.67 -5.30
C GLN A 273 -22.89 -17.97 -4.35
N THR A 274 -22.95 -19.11 -3.66
CA THR A 274 -21.89 -19.55 -2.77
C THR A 274 -20.72 -19.92 -3.64
N CYS A 275 -19.60 -19.29 -3.35
CA CYS A 275 -18.38 -19.43 -4.14
C CYS A 275 -17.34 -20.30 -3.46
N GLY A 276 -17.24 -20.18 -2.16
CA GLY A 276 -16.29 -20.95 -1.39
C GLY A 276 -16.26 -20.60 0.07
N TYR A 277 -15.23 -21.07 0.76
CA TYR A 277 -15.05 -20.83 2.17
C TYR A 277 -13.60 -20.44 2.41
N ARG A 278 -13.37 -19.38 3.18
CA ARG A 278 -12.03 -18.86 3.48
C ARG A 278 -11.57 -19.29 4.86
N ARG A 279 -10.28 -19.70 5.03
CA ARG A 279 -9.70 -20.06 6.34
C ARG A 279 -8.35 -19.32 6.53
N CYS A 280 -8.24 -18.15 5.93
CA CYS A 280 -7.00 -17.34 5.96
C CYS A 280 -7.42 -15.88 6.02
N ARG A 281 -6.42 -14.99 5.87
CA ARG A 281 -6.64 -13.55 5.89
C ARG A 281 -7.58 -13.12 4.80
N ALA A 282 -8.54 -12.25 5.17
CA ALA A 282 -9.41 -11.60 4.19
C ALA A 282 -8.68 -10.35 3.74
N SER A 283 -8.60 -10.18 2.46
CA SER A 283 -7.94 -9.05 1.80
C SER A 283 -8.66 -7.71 1.96
N GLY A 284 -9.97 -7.73 2.26
CA GLY A 284 -10.76 -6.51 2.36
C GLY A 284 -11.42 -6.23 3.71
N VAL A 285 -10.65 -6.31 4.78
CA VAL A 285 -11.15 -6.04 6.14
C VAL A 285 -10.30 -4.94 6.72
N LEU A 286 -10.78 -4.33 7.80
CA LEU A 286 -10.01 -3.26 8.43
C LEU A 286 -8.64 -3.72 8.90
N THR A 287 -8.55 -4.90 9.44
CA THR A 287 -7.33 -5.45 10.04
C THR A 287 -6.31 -6.06 9.06
N THR A 288 -6.58 -6.09 7.74
CA THR A 288 -5.67 -6.73 6.78
C THR A 288 -4.23 -6.23 6.90
N SER A 289 -4.02 -4.94 6.73
CA SER A 289 -2.69 -4.31 6.74
C SER A 289 -2.06 -4.36 8.11
N MET A 290 -2.79 -3.95 9.17
CA MET A 290 -2.23 -4.01 10.53
C MET A 290 -1.87 -5.48 10.90
N GLY A 291 -2.81 -6.40 10.69
CA GLY A 291 -2.63 -7.82 10.95
C GLY A 291 -1.42 -8.39 10.19
N ASN A 292 -1.32 -8.11 8.87
CA ASN A 292 -0.17 -8.59 8.07
C ASN A 292 1.14 -8.04 8.60
N THR A 293 1.16 -6.76 8.95
CA THR A 293 2.39 -6.12 9.46
C THR A 293 2.86 -6.76 10.76
N ILE A 294 1.95 -6.86 11.75
CA ILE A 294 2.28 -7.42 13.06
C ILE A 294 2.69 -8.89 12.93
N THR A 295 1.91 -9.69 12.17
CA THR A 295 2.20 -11.13 12.00
C THR A 295 3.52 -11.36 11.25
N CYS A 296 3.76 -10.58 10.21
CA CYS A 296 5.03 -10.70 9.50
C CYS A 296 6.17 -10.34 10.46
N TYR A 297 6.01 -9.26 11.24
CA TYR A 297 7.04 -8.83 12.20
C TYR A 297 7.35 -9.93 13.24
N VAL A 298 6.29 -10.58 13.80
CA VAL A 298 6.44 -11.64 14.83
C VAL A 298 7.20 -12.83 14.23
N LYS A 299 6.76 -13.31 13.07
CA LYS A 299 7.42 -14.44 12.40
C LYS A 299 8.86 -14.10 12.04
N ALA A 300 9.11 -12.92 11.49
CA ALA A 300 10.45 -12.49 11.07
C ALA A 300 11.42 -12.29 12.23
N LEU A 301 10.95 -11.70 13.36
CA LEU A 301 11.80 -11.51 14.54
C LEU A 301 12.14 -12.85 15.18
N ALA A 302 11.15 -13.75 15.22
CA ALA A 302 11.38 -15.11 15.74
C ALA A 302 12.35 -15.88 14.81
N ALA A 303 12.19 -15.73 13.48
CA ALA A 303 13.06 -16.39 12.49
C ALA A 303 14.49 -15.86 12.55
N CYS A 304 14.68 -14.53 12.81
CA CYS A 304 16.03 -13.93 13.01
C CYS A 304 16.72 -14.65 14.17
N LYS A 305 16.01 -14.83 15.31
CA LYS A 305 16.52 -15.50 16.52
C LYS A 305 16.84 -16.96 16.27
N ALA A 306 15.99 -17.66 15.49
CA ALA A 306 16.17 -19.07 15.13
C ALA A 306 17.37 -19.27 14.18
N ALA A 307 17.62 -18.30 13.28
CA ALA A 307 18.69 -18.33 12.28
C ALA A 307 20.02 -17.84 12.82
N GLY A 308 19.98 -17.04 13.88
CA GLY A 308 21.18 -16.45 14.44
C GLY A 308 21.62 -15.20 13.71
N ILE A 309 20.64 -14.43 13.13
CA ILE A 309 20.89 -13.14 12.47
C ILE A 309 21.42 -12.22 13.56
N VAL A 310 22.53 -11.51 13.28
CA VAL A 310 23.19 -10.69 14.29
C VAL A 310 22.76 -9.24 14.21
N ALA A 311 22.22 -8.69 15.32
CA ALA A 311 21.80 -7.30 15.48
C ALA A 311 20.84 -6.88 14.32
N PRO A 312 19.68 -7.56 14.14
CA PRO A 312 18.81 -7.18 13.03
C PRO A 312 18.05 -5.88 13.28
N THR A 313 17.95 -5.06 12.25
CA THR A 313 17.13 -3.86 12.23
C THR A 313 16.11 -4.17 11.12
N MET A 314 14.83 -4.18 11.48
CA MET A 314 13.76 -4.52 10.55
C MET A 314 12.90 -3.34 10.14
N LEU A 315 12.36 -3.41 8.93
CA LEU A 315 11.38 -2.47 8.41
C LEU A 315 10.26 -3.34 7.81
N VAL A 316 9.02 -3.18 8.32
CA VAL A 316 7.90 -4.04 7.90
C VAL A 316 6.71 -3.19 7.40
N CYS A 317 6.22 -3.52 6.19
CA CYS A 317 5.10 -2.84 5.56
C CYS A 317 4.19 -3.89 5.07
N GLY A 318 3.21 -4.30 5.88
CA GLY A 318 2.35 -5.41 5.46
C GLY A 318 3.19 -6.65 5.37
N ASP A 319 3.16 -7.33 4.23
CA ASP A 319 3.95 -8.53 4.02
C ASP A 319 5.35 -8.19 3.48
N ASP A 320 5.68 -6.91 3.25
CA ASP A 320 7.02 -6.54 2.75
C ASP A 320 7.94 -6.36 3.93
N LEU A 321 9.09 -7.03 3.90
CA LEU A 321 10.02 -7.05 4.99
C LEU A 321 11.42 -6.87 4.51
N VAL A 322 12.17 -6.02 5.22
CA VAL A 322 13.59 -5.79 4.99
C VAL A 322 14.29 -5.96 6.35
N VAL A 323 15.41 -6.69 6.36
CA VAL A 323 16.23 -6.94 7.55
C VAL A 323 17.65 -6.47 7.23
N ILE A 324 18.17 -5.55 8.05
CA ILE A 324 19.52 -5.02 7.91
C ILE A 324 20.23 -5.51 9.16
N SER A 325 21.36 -6.17 9.00
CA SER A 325 22.05 -6.75 10.15
C SER A 325 23.55 -6.72 9.96
N GLU A 326 24.27 -7.38 10.86
CA GLU A 326 25.73 -7.49 10.82
C GLU A 326 26.13 -8.68 9.95
N SER A 327 26.85 -8.43 8.85
CA SER A 327 27.36 -9.51 8.00
C SER A 327 28.34 -10.38 8.82
N GLN A 328 28.24 -11.72 8.65
CA GLN A 328 29.13 -12.69 9.29
C GLN A 328 30.05 -13.29 8.20
N GLY A 329 30.16 -12.55 7.09
CA GLY A 329 30.85 -12.96 5.88
C GLY A 329 29.83 -13.59 4.94
N THR A 330 30.11 -13.65 3.65
CA THR A 330 29.18 -14.16 2.62
C THR A 330 28.72 -15.57 2.82
N GLU A 331 29.65 -16.49 3.17
CA GLU A 331 29.29 -17.88 3.39
C GLU A 331 28.30 -18.05 4.57
N GLU A 332 28.58 -17.41 5.71
CA GLU A 332 27.72 -17.52 6.88
C GLU A 332 26.39 -16.76 6.63
N ASP A 333 26.43 -15.65 5.89
CA ASP A 333 25.21 -14.88 5.54
C ASP A 333 24.28 -15.76 4.73
N GLU A 334 24.83 -16.46 3.72
CA GLU A 334 24.07 -17.39 2.88
C GLU A 334 23.46 -18.51 3.70
N ARG A 335 24.22 -19.08 4.64
CA ARG A 335 23.70 -20.15 5.50
C ARG A 335 22.60 -19.59 6.42
N ASN A 336 22.83 -18.42 7.03
CA ASN A 336 21.88 -17.78 7.95
C ASN A 336 20.57 -17.42 7.25
N LEU A 337 20.62 -16.99 5.96
CA LEU A 337 19.40 -16.66 5.21
C LEU A 337 18.64 -17.94 4.90
N ARG A 338 19.36 -19.06 4.68
CA ARG A 338 18.68 -20.35 4.45
C ARG A 338 17.99 -20.78 5.77
N ALA A 339 18.67 -20.61 6.94
CA ALA A 339 18.08 -20.95 8.24
C ALA A 339 16.86 -20.03 8.54
N PHE A 340 16.94 -18.75 8.14
CA PHE A 340 15.85 -17.78 8.34
C PHE A 340 14.64 -18.24 7.54
N THR A 341 14.86 -18.57 6.26
CA THR A 341 13.83 -19.07 5.33
C THR A 341 13.13 -20.33 5.86
N GLU A 342 13.91 -21.29 6.37
CA GLU A 342 13.39 -22.55 6.94
C GLU A 342 12.49 -22.26 8.13
N ALA A 343 12.89 -21.30 9.00
CA ALA A 343 12.10 -20.94 10.18
C ALA A 343 10.81 -20.23 9.74
N MET A 344 10.90 -19.28 8.78
CA MET A 344 9.71 -18.61 8.24
C MET A 344 8.77 -19.65 7.64
N THR A 345 9.33 -20.64 6.90
CA THR A 345 8.50 -21.72 6.34
C THR A 345 7.79 -22.53 7.44
N ARG A 346 8.49 -22.85 8.53
CA ARG A 346 7.82 -23.58 9.64
C ARG A 346 6.71 -22.72 10.25
N TYR A 347 6.86 -21.38 10.21
CA TYR A 347 5.83 -20.47 10.79
C TYR A 347 4.68 -20.23 9.82
N SER A 348 4.72 -20.89 8.66
CA SER A 348 3.78 -20.77 7.56
C SER A 348 3.95 -19.39 6.87
N ALA A 349 5.18 -19.13 6.41
CA ALA A 349 5.49 -17.94 5.62
C ALA A 349 6.64 -18.30 4.66
N PRO A 350 6.43 -19.27 3.72
CA PRO A 350 7.51 -19.62 2.79
C PRO A 350 7.77 -18.52 1.77
N PRO A 351 9.00 -18.43 1.20
CA PRO A 351 9.25 -17.33 0.25
C PRO A 351 8.79 -17.65 -1.14
N GLY A 352 8.54 -16.61 -1.92
CA GLY A 352 8.24 -16.73 -3.35
C GLY A 352 9.58 -17.00 -4.02
N ASP A 353 10.51 -16.04 -3.90
CA ASP A 353 11.89 -16.14 -4.37
C ASP A 353 12.79 -16.19 -3.14
N PRO A 354 13.78 -17.13 -3.06
CA PRO A 354 14.62 -17.18 -1.85
C PRO A 354 15.35 -15.86 -1.60
N PRO A 355 15.48 -15.42 -0.33
CA PRO A 355 16.17 -14.13 -0.07
C PRO A 355 17.66 -14.17 -0.44
N ARG A 356 18.20 -13.02 -0.83
CA ARG A 356 19.60 -12.92 -1.20
C ARG A 356 20.31 -11.83 -0.36
N PRO A 357 21.49 -12.10 0.22
CA PRO A 357 22.17 -11.05 0.99
C PRO A 357 22.75 -9.99 0.05
N GLU A 358 22.67 -8.71 0.45
CA GLU A 358 23.14 -7.59 -0.35
C GLU A 358 24.08 -6.79 0.53
N TYR A 359 25.21 -6.34 -0.03
CA TYR A 359 26.22 -5.58 0.69
C TYR A 359 26.21 -4.11 0.27
N ASP A 360 25.15 -3.69 -0.47
CA ASP A 360 24.95 -2.31 -0.90
C ASP A 360 23.47 -2.06 -0.75
N LEU A 361 23.09 -1.04 0.02
CA LEU A 361 21.69 -0.70 0.32
C LEU A 361 20.82 -0.48 -0.95
N GLU A 362 21.42 0.08 -2.01
CA GLU A 362 20.75 0.37 -3.28
C GLU A 362 20.33 -0.90 -3.99
N LEU A 363 20.90 -2.06 -3.63
CA LEU A 363 20.58 -3.33 -4.29
C LEU A 363 19.40 -4.09 -3.68
N ILE A 364 18.78 -3.51 -2.65
CA ILE A 364 17.61 -4.13 -2.01
C ILE A 364 16.36 -3.54 -2.62
N THR A 365 15.42 -4.41 -3.05
CA THR A 365 14.11 -4.00 -3.56
C THR A 365 13.05 -4.42 -2.56
N SER A 366 12.14 -3.51 -2.21
CA SER A 366 11.04 -3.79 -1.29
C SER A 366 9.94 -2.81 -1.59
N CYS A 367 8.66 -3.27 -1.56
CA CYS A 367 7.49 -2.45 -1.90
C CYS A 367 7.77 -1.90 -3.32
N SER A 368 8.42 -2.73 -4.17
CA SER A 368 8.85 -2.47 -5.56
C SER A 368 9.91 -1.35 -5.65
N SER A 369 10.31 -0.74 -4.52
CA SER A 369 11.23 0.39 -4.50
C SER A 369 12.65 0.03 -4.13
N ASN A 370 13.60 0.92 -4.48
CA ASN A 370 15.00 0.83 -4.12
C ASN A 370 15.48 2.26 -3.83
N VAL A 371 16.53 2.35 -3.05
CA VAL A 371 17.13 3.62 -2.69
C VAL A 371 18.07 3.97 -3.84
N SER A 372 18.04 5.21 -4.29
CA SER A 372 18.93 5.71 -5.33
C SER A 372 19.56 7.01 -4.85
N VAL A 373 20.57 7.48 -5.57
CA VAL A 373 21.30 8.70 -5.23
C VAL A 373 21.31 9.66 -6.43
N ALA A 374 21.16 10.93 -6.15
CA ALA A 374 21.22 12.04 -7.11
C ALA A 374 21.89 13.24 -6.41
N LEU A 375 22.16 14.35 -7.12
CA LEU A 375 22.77 15.53 -6.49
C LEU A 375 21.76 16.58 -6.09
N GLY A 376 21.98 17.20 -4.93
CA GLY A 376 21.13 18.27 -4.39
C GLY A 376 21.53 19.61 -4.98
N PRO A 377 20.88 20.74 -4.61
CA PRO A 377 21.28 22.05 -5.22
C PRO A 377 22.70 22.48 -4.84
N ARG A 378 23.26 21.78 -3.84
CA ARG A 378 24.56 21.95 -3.22
C ARG A 378 25.67 21.22 -3.99
N GLY A 379 25.33 20.09 -4.58
CA GLY A 379 26.27 19.20 -5.26
C GLY A 379 26.50 17.99 -4.39
N ARG A 380 25.85 17.99 -3.21
CA ARG A 380 25.87 16.93 -2.23
C ARG A 380 24.97 15.78 -2.70
N ARG A 381 25.38 14.55 -2.37
CA ARG A 381 24.66 13.32 -2.67
C ARG A 381 23.35 13.25 -1.85
N ARG A 382 22.21 13.08 -2.54
CA ARG A 382 20.90 12.97 -1.89
C ARG A 382 20.27 11.64 -2.21
N TYR A 383 19.74 10.98 -1.18
CA TYR A 383 19.17 9.66 -1.25
C TYR A 383 17.65 9.71 -1.29
N TYR A 384 17.05 8.89 -2.15
CA TYR A 384 15.60 8.91 -2.32
C TYR A 384 15.12 7.54 -2.81
N LEU A 385 13.83 7.28 -2.64
CA LEU A 385 13.22 6.02 -3.05
C LEU A 385 12.70 6.15 -4.48
N THR A 386 12.96 5.15 -5.30
CA THR A 386 12.48 5.12 -6.68
C THR A 386 12.02 3.70 -6.97
N ARG A 387 11.61 3.42 -8.21
CA ARG A 387 11.22 2.07 -8.63
C ARG A 387 11.26 2.05 -10.15
N ASP A 388 11.14 0.86 -10.75
CA ASP A 388 11.07 0.79 -12.20
C ASP A 388 9.79 1.55 -12.63
N PRO A 389 9.87 2.57 -13.52
CA PRO A 389 8.66 3.36 -13.81
C PRO A 389 7.73 2.81 -14.89
N THR A 390 8.06 1.69 -15.55
CA THR A 390 7.23 1.14 -16.64
C THR A 390 5.77 0.96 -16.24
N THR A 391 5.48 0.16 -15.21
CA THR A 391 4.10 -0.03 -14.74
C THR A 391 3.46 1.29 -14.25
N PRO A 392 4.08 2.11 -13.38
CA PRO A 392 3.44 3.40 -13.02
C PRO A 392 3.14 4.28 -14.26
N LEU A 393 4.04 4.31 -15.27
CA LEU A 393 3.78 5.13 -16.47
C LEU A 393 2.68 4.49 -17.33
N ALA A 394 2.63 3.16 -17.38
CA ALA A 394 1.58 2.45 -18.14
C ALA A 394 0.21 2.69 -17.48
N ARG A 395 0.16 2.70 -16.13
CA ARG A 395 -1.10 2.99 -15.39
C ARG A 395 -1.55 4.42 -15.63
N ALA A 396 -0.61 5.36 -15.58
CA ALA A 396 -0.93 6.78 -15.85
C ALA A 396 -1.49 6.96 -17.28
N ALA A 397 -0.96 6.22 -18.26
CA ALA A 397 -1.46 6.29 -19.65
C ALA A 397 -2.88 5.71 -19.76
N TRP A 398 -3.15 4.60 -19.04
CA TRP A 398 -4.48 3.97 -19.00
C TRP A 398 -5.47 4.92 -18.34
N GLU A 399 -5.09 5.50 -17.20
CA GLU A 399 -5.95 6.46 -16.49
C GLU A 399 -6.26 7.74 -17.29
N THR A 400 -5.39 8.14 -18.23
CA THR A 400 -5.60 9.33 -19.08
C THR A 400 -6.82 9.10 -19.99
N VAL A 401 -6.97 7.86 -20.47
CA VAL A 401 -8.05 7.43 -21.37
C VAL A 401 -9.24 6.79 -20.62
N ARG A 402 -9.01 6.16 -19.47
CA ARG A 402 -10.07 5.49 -18.69
C ARG A 402 -9.96 5.92 -17.24
N HIS A 403 -10.76 6.92 -16.87
CA HIS A 403 -10.81 7.50 -15.53
C HIS A 403 -11.01 6.44 -14.45
N SER A 404 -10.14 6.44 -13.44
CA SER A 404 -10.22 5.55 -12.29
C SER A 404 -10.22 6.37 -10.99
N PRO A 405 -11.07 6.05 -10.01
CA PRO A 405 -11.05 6.82 -8.73
C PRO A 405 -9.75 6.67 -7.92
N ILE A 406 -8.96 5.59 -8.17
CA ILE A 406 -7.68 5.27 -7.51
C ILE A 406 -6.62 6.36 -7.83
N ASN A 407 -6.68 6.96 -9.06
CA ASN A 407 -5.74 7.97 -9.54
C ASN A 407 -4.31 7.59 -9.15
N SER A 408 -3.84 6.44 -9.65
CA SER A 408 -2.50 5.93 -9.33
C SER A 408 -1.43 6.96 -9.68
N TRP A 409 -1.67 7.76 -10.77
CA TRP A 409 -0.73 8.81 -11.20
C TRP A 409 -0.47 9.81 -10.07
N LEU A 410 -1.53 10.16 -9.32
CA LEU A 410 -1.46 11.11 -8.21
C LEU A 410 -0.68 10.55 -7.01
N GLY A 411 -1.00 9.32 -6.61
CA GLY A 411 -0.32 8.61 -5.52
C GLY A 411 1.17 8.46 -5.84
N ASN A 412 1.49 8.26 -7.14
CA ASN A 412 2.87 8.13 -7.63
C ASN A 412 3.61 9.45 -7.63
N ILE A 413 2.95 10.54 -8.03
CA ILE A 413 3.57 11.89 -8.02
C ILE A 413 3.97 12.22 -6.58
N ILE A 414 3.07 11.91 -5.61
CA ILE A 414 3.29 12.20 -4.19
C ILE A 414 4.40 11.32 -3.56
N GLN A 415 4.34 9.98 -3.75
CA GLN A 415 5.32 9.04 -3.19
C GLN A 415 6.71 9.15 -3.81
N TYR A 416 6.74 9.35 -5.14
CA TYR A 416 7.96 9.39 -5.93
C TYR A 416 8.30 10.78 -6.51
N ALA A 417 7.84 11.85 -5.83
CA ALA A 417 8.14 13.24 -6.21
C ALA A 417 9.60 13.52 -6.58
N PRO A 418 10.66 12.99 -5.91
CA PRO A 418 12.03 13.34 -6.33
C PRO A 418 12.53 12.61 -7.56
N THR A 419 11.77 11.64 -8.09
CA THR A 419 12.26 10.82 -9.22
C THR A 419 12.24 11.55 -10.55
N ILE A 420 13.15 11.14 -11.45
CA ILE A 420 13.19 11.75 -12.78
C ILE A 420 11.85 11.53 -13.54
N TRP A 421 11.29 10.30 -13.44
CA TRP A 421 10.09 9.93 -14.19
C TRP A 421 8.86 10.67 -13.68
N VAL A 422 8.77 10.91 -12.37
CA VAL A 422 7.65 11.72 -11.87
C VAL A 422 7.83 13.20 -12.34
N ARG A 423 9.00 13.78 -12.10
CA ARG A 423 9.21 15.20 -12.42
C ARG A 423 9.14 15.54 -13.89
N MET A 424 9.80 14.75 -14.73
CA MET A 424 9.86 15.02 -16.16
C MET A 424 8.64 14.56 -16.93
N VAL A 425 8.07 13.41 -16.57
CA VAL A 425 6.94 12.84 -17.31
C VAL A 425 5.61 13.07 -16.62
N LEU A 426 5.41 12.50 -15.40
CA LEU A 426 4.09 12.60 -14.77
C LEU A 426 3.64 14.00 -14.44
N MET A 427 4.52 14.81 -13.83
CA MET A 427 4.13 16.18 -13.47
C MET A 427 3.80 16.97 -14.74
N THR A 428 4.68 16.91 -15.76
CA THR A 428 4.51 17.60 -17.04
C THR A 428 3.16 17.23 -17.68
N HIS A 429 2.90 15.92 -17.82
CA HIS A 429 1.67 15.45 -18.42
C HIS A 429 0.41 15.83 -17.64
N PHE A 430 0.36 15.54 -16.32
CA PHE A 430 -0.84 15.79 -15.57
C PHE A 430 -1.10 17.28 -15.24
N PHE A 431 -0.05 18.12 -15.19
CA PHE A 431 -0.29 19.56 -14.98
C PHE A 431 -0.84 20.21 -16.24
N SER A 432 -0.39 19.72 -17.40
CA SER A 432 -0.90 20.11 -18.71
C SER A 432 -2.38 19.73 -18.84
N ILE A 433 -2.80 18.49 -18.48
CA ILE A 433 -4.20 18.09 -18.61
C ILE A 433 -5.10 18.87 -17.64
N LEU A 434 -4.66 19.09 -16.39
CA LEU A 434 -5.45 19.87 -15.41
C LEU A 434 -5.63 21.33 -15.88
N MET A 435 -4.62 21.92 -16.55
CA MET A 435 -4.68 23.29 -17.08
C MET A 435 -5.62 23.40 -18.28
N VAL A 436 -5.46 22.49 -19.26
CA VAL A 436 -6.31 22.47 -20.46
C VAL A 436 -7.78 22.22 -20.07
N GLN A 437 -8.04 21.25 -19.17
CA GLN A 437 -9.39 20.93 -18.67
C GLN A 437 -9.92 21.98 -17.67
N ASP A 438 -9.03 22.87 -17.18
CA ASP A 438 -9.34 23.88 -16.18
C ASP A 438 -9.87 23.19 -14.89
N THR A 439 -9.13 22.15 -14.44
CA THR A 439 -9.48 21.40 -13.22
C THR A 439 -8.36 21.47 -12.17
N LEU A 440 -7.40 22.43 -12.29
CA LEU A 440 -6.29 22.58 -11.34
C LEU A 440 -6.73 22.69 -9.87
N ASP A 441 -7.81 23.44 -9.60
CA ASP A 441 -8.29 23.71 -8.24
C ASP A 441 -9.38 22.76 -7.75
N GLN A 442 -9.59 21.65 -8.46
CA GLN A 442 -10.57 20.63 -8.08
C GLN A 442 -9.91 19.62 -7.12
N ASN A 443 -10.53 19.37 -5.95
CA ASN A 443 -9.99 18.36 -5.03
C ASN A 443 -10.20 16.98 -5.68
N LEU A 444 -9.18 16.13 -5.61
CA LEU A 444 -9.21 14.79 -6.18
C LEU A 444 -8.88 13.81 -5.06
N ASN A 445 -9.25 12.55 -5.26
CA ASN A 445 -8.95 11.48 -4.32
C ASN A 445 -7.97 10.52 -4.96
N PHE A 446 -7.04 9.97 -4.18
CA PHE A 446 -6.14 8.94 -4.66
C PHE A 446 -6.15 7.79 -3.64
N GLU A 447 -6.09 6.54 -4.14
CA GLU A 447 -6.12 5.36 -3.25
C GLU A 447 -4.74 4.72 -3.15
N MET A 448 -4.39 4.28 -1.92
CA MET A 448 -3.07 3.69 -1.66
C MET A 448 -3.09 2.97 -0.33
N TYR A 449 -2.64 1.70 -0.31
CA TYR A 449 -2.49 0.91 0.93
C TYR A 449 -3.72 0.93 1.87
N GLY A 450 -4.89 0.62 1.30
CA GLY A 450 -6.14 0.61 2.03
C GLY A 450 -6.69 1.97 2.47
N SER A 451 -6.11 3.07 1.96
CA SER A 451 -6.56 4.40 2.35
C SER A 451 -6.90 5.28 1.15
N VAL A 452 -7.94 6.11 1.29
CA VAL A 452 -8.37 7.08 0.28
C VAL A 452 -8.00 8.46 0.83
N TYR A 453 -7.16 9.22 0.09
CA TYR A 453 -6.73 10.55 0.54
C TYR A 453 -7.30 11.62 -0.39
N SER A 454 -7.73 12.75 0.17
CA SER A 454 -8.26 13.88 -0.60
C SER A 454 -7.15 14.91 -0.71
N VAL A 455 -6.85 15.32 -1.95
CA VAL A 455 -5.74 16.24 -2.22
C VAL A 455 -6.08 17.31 -3.28
N ASN A 456 -5.66 18.57 -3.01
CA ASN A 456 -5.80 19.62 -4.03
C ASN A 456 -4.47 19.66 -4.80
N PRO A 457 -4.48 19.49 -6.16
CA PRO A 457 -3.22 19.53 -6.92
C PRO A 457 -2.39 20.78 -6.70
N LEU A 458 -3.06 21.92 -6.39
CA LEU A 458 -2.39 23.18 -6.11
C LEU A 458 -1.64 23.17 -4.78
N ASP A 459 -1.93 22.18 -3.92
CA ASP A 459 -1.23 21.97 -2.64
C ASP A 459 -0.03 21.01 -2.80
N LEU A 460 0.18 20.44 -4.02
CA LEU A 460 1.30 19.51 -4.26
C LEU A 460 2.68 20.08 -3.86
N PRO A 461 3.08 21.35 -4.16
CA PRO A 461 4.41 21.79 -3.69
C PRO A 461 4.60 21.70 -2.17
N ALA A 462 3.59 22.09 -1.36
CA ALA A 462 3.65 22.02 0.11
C ALA A 462 3.65 20.55 0.58
N ILE A 463 2.83 19.69 -0.06
CA ILE A 463 2.76 18.25 0.31
C ILE A 463 4.13 17.61 0.05
N ILE A 464 4.70 17.85 -1.14
CA ILE A 464 6.02 17.31 -1.51
C ILE A 464 7.12 17.82 -0.57
N GLU A 465 7.09 19.13 -0.26
CA GLU A 465 8.10 19.68 0.66
C GLU A 465 8.00 18.97 2.03
N ARG A 466 6.77 18.78 2.54
CA ARG A 466 6.58 18.07 3.81
C ARG A 466 7.01 16.59 3.74
N LEU A 467 6.70 15.88 2.62
CA LEU A 467 7.03 14.44 2.56
C LEU A 467 8.47 14.12 2.19
N HIS A 468 9.13 15.01 1.44
CA HIS A 468 10.45 14.77 0.85
C HIS A 468 11.50 15.86 1.11
N GLY A 469 11.09 17.04 1.55
CA GLY A 469 11.99 18.18 1.72
C GLY A 469 12.14 18.95 0.43
N LEU A 470 12.80 20.13 0.52
CA LEU A 470 13.07 21.01 -0.63
C LEU A 470 13.94 20.35 -1.70
N ASP A 471 14.72 19.33 -1.31
CA ASP A 471 15.61 18.57 -2.21
C ASP A 471 14.86 17.96 -3.39
N ALA A 472 13.56 17.68 -3.22
CA ALA A 472 12.69 17.10 -4.23
C ALA A 472 12.54 17.96 -5.48
N PHE A 473 12.69 19.29 -5.32
CA PHE A 473 12.58 20.29 -6.38
C PHE A 473 13.92 20.65 -6.97
N SER A 474 15.01 20.10 -6.42
CA SER A 474 16.35 20.41 -6.89
C SER A 474 17.23 19.20 -7.17
N MET A 475 16.64 17.99 -7.28
CA MET A 475 17.45 16.82 -7.63
C MET A 475 17.90 16.97 -9.08
N HIS A 476 19.14 16.60 -9.37
CA HIS A 476 19.71 16.60 -10.73
C HIS A 476 20.86 15.63 -10.73
N THR A 477 21.37 15.28 -11.92
CA THR A 477 22.45 14.31 -12.08
C THR A 477 22.00 12.95 -11.50
N TYR A 478 20.95 12.41 -12.12
CA TYR A 478 20.38 11.12 -11.76
C TYR A 478 21.34 10.03 -12.17
N SER A 479 21.31 8.89 -11.46
CA SER A 479 22.19 7.78 -11.75
C SER A 479 21.90 7.28 -13.19
N HIS A 480 22.88 6.62 -13.82
CA HIS A 480 22.76 6.00 -15.13
C HIS A 480 21.57 5.00 -15.16
N HIS A 481 21.40 4.20 -14.08
CA HIS A 481 20.29 3.23 -13.93
C HIS A 481 18.93 3.94 -14.01
N GLU A 482 18.79 5.08 -13.33
CA GLU A 482 17.53 5.83 -13.36
C GLU A 482 17.27 6.43 -14.72
N LEU A 483 18.33 6.90 -15.42
CA LEU A 483 18.19 7.48 -16.74
C LEU A 483 17.81 6.39 -17.73
N THR A 484 18.47 5.22 -17.65
CA THR A 484 18.22 4.09 -18.56
C THR A 484 16.78 3.57 -18.36
N ARG A 485 16.35 3.48 -17.08
CA ARG A 485 15.02 3.03 -16.68
C ARG A 485 13.90 3.89 -17.27
N VAL A 486 13.99 5.25 -17.19
CA VAL A 486 12.92 6.10 -17.73
C VAL A 486 12.92 6.10 -19.25
N ALA A 487 14.11 6.14 -19.89
CA ALA A 487 14.23 6.13 -21.35
C ALA A 487 13.68 4.82 -21.94
N SER A 488 13.96 3.67 -21.31
CA SER A 488 13.49 2.35 -21.77
C SER A 488 11.98 2.23 -21.57
N ALA A 489 11.46 2.67 -20.41
CA ALA A 489 10.03 2.61 -20.13
C ALA A 489 9.27 3.46 -21.16
N LEU A 490 9.75 4.70 -21.46
CA LEU A 490 9.07 5.56 -22.44
C LEU A 490 9.06 4.89 -23.83
N ARG A 491 10.19 4.32 -24.27
CA ARG A 491 10.30 3.62 -25.55
C ARG A 491 9.34 2.42 -25.60
N LYS A 492 9.37 1.56 -24.56
CA LYS A 492 8.52 0.36 -24.50
C LYS A 492 7.02 0.64 -24.53
N LEU A 493 6.59 1.78 -23.97
CA LEU A 493 5.18 2.16 -23.93
C LEU A 493 4.73 2.97 -25.14
N GLY A 494 5.65 3.26 -26.06
CA GLY A 494 5.31 4.06 -27.24
C GLY A 494 5.26 5.55 -26.96
N ALA A 495 5.78 6.00 -25.80
CA ALA A 495 5.73 7.42 -25.44
C ALA A 495 6.89 8.25 -26.02
N PRO A 496 6.73 9.59 -26.15
CA PRO A 496 7.84 10.41 -26.63
C PRO A 496 9.01 10.38 -25.62
N PRO A 497 10.25 10.65 -26.09
CA PRO A 497 11.40 10.56 -25.19
C PRO A 497 11.55 11.75 -24.26
N LEU A 498 12.47 11.65 -23.29
CA LEU A 498 12.71 12.73 -22.31
C LEU A 498 12.85 14.13 -22.90
N ARG A 499 13.59 14.29 -24.03
CA ARG A 499 13.78 15.60 -24.71
C ARG A 499 12.46 16.28 -25.04
N VAL A 500 11.44 15.51 -25.47
CA VAL A 500 10.11 16.06 -25.76
C VAL A 500 9.43 16.53 -24.46
N TRP A 501 9.58 15.74 -23.39
CA TRP A 501 9.01 16.03 -22.08
C TRP A 501 9.62 17.28 -21.45
N LYS A 502 10.93 17.48 -21.64
CA LYS A 502 11.58 18.71 -21.14
C LYS A 502 11.05 19.95 -21.90
N SER A 503 10.79 19.84 -23.23
CA SER A 503 10.27 20.97 -24.03
C SER A 503 8.88 21.30 -23.58
N ARG A 504 8.05 20.27 -23.38
CA ARG A 504 6.67 20.42 -22.90
C ARG A 504 6.61 21.04 -21.51
N ALA A 505 7.57 20.68 -20.64
CA ALA A 505 7.65 21.19 -19.25
C ALA A 505 7.97 22.67 -19.25
N ARG A 506 8.88 23.13 -20.15
CA ARG A 506 9.20 24.57 -20.26
C ARG A 506 7.91 25.35 -20.55
N ALA A 507 7.05 24.83 -21.44
CA ALA A 507 5.76 25.44 -21.79
C ALA A 507 4.72 25.34 -20.66
N VAL A 508 4.62 24.16 -19.99
CA VAL A 508 3.70 23.94 -18.85
C VAL A 508 4.07 24.93 -17.71
N ARG A 509 5.38 25.08 -17.41
CA ARG A 509 5.89 25.99 -16.38
C ARG A 509 5.48 27.42 -16.69
N ALA A 510 5.76 27.88 -17.95
CA ALA A 510 5.42 29.22 -18.45
C ALA A 510 3.93 29.46 -18.32
N SER A 511 3.09 28.50 -18.81
CA SER A 511 1.62 28.58 -18.68
C SER A 511 1.18 28.67 -17.24
N LEU A 512 1.79 27.87 -16.32
CA LEU A 512 1.43 27.90 -14.90
C LEU A 512 1.76 29.25 -14.27
N ILE A 513 2.98 29.76 -14.52
CA ILE A 513 3.46 31.07 -14.02
C ILE A 513 2.55 32.21 -14.54
N SER A 514 1.97 32.04 -15.75
CA SER A 514 1.08 33.02 -16.40
C SER A 514 -0.34 33.02 -15.81
N ARG A 515 -0.59 32.18 -14.79
CA ARG A 515 -1.90 32.09 -14.14
C ARG A 515 -1.86 32.75 -12.77
N GLY A 516 -0.66 32.99 -12.24
CA GLY A 516 -0.44 33.56 -10.91
C GLY A 516 -0.90 32.65 -9.79
N GLY A 517 -0.86 33.17 -8.56
CA GLY A 517 -1.30 32.49 -7.35
C GLY A 517 -0.63 31.16 -7.06
N LYS A 518 -1.42 30.16 -6.64
CA LYS A 518 -0.96 28.82 -6.31
C LYS A 518 -0.44 28.07 -7.53
N ALA A 519 -1.02 28.34 -8.73
CA ALA A 519 -0.60 27.72 -9.98
C ALA A 519 0.82 28.15 -10.38
N ALA A 520 1.16 29.43 -10.14
CA ALA A 520 2.50 29.97 -10.41
C ALA A 520 3.52 29.35 -9.47
N VAL A 521 3.13 29.11 -8.19
CA VAL A 521 3.93 28.43 -7.16
C VAL A 521 4.26 27.01 -7.70
N CYS A 522 3.22 26.30 -8.24
CA CYS A 522 3.40 24.98 -8.88
C CYS A 522 4.41 25.06 -10.02
N GLY A 523 4.24 26.06 -10.91
CA GLY A 523 5.17 26.24 -12.02
C GLY A 523 6.60 26.44 -11.58
N ARG A 524 6.82 27.33 -10.60
CA ARG A 524 8.14 27.70 -10.08
C ARG A 524 8.83 26.57 -9.31
N TYR A 525 8.11 25.89 -8.41
CA TYR A 525 8.70 24.82 -7.61
C TYR A 525 8.79 23.49 -8.33
N LEU A 526 7.69 23.06 -8.97
CA LEU A 526 7.69 21.74 -9.60
C LEU A 526 8.49 21.66 -10.91
N PHE A 527 8.63 22.78 -11.66
CA PHE A 527 9.33 22.74 -12.94
C PHE A 527 10.61 23.59 -12.99
N ASN A 528 11.30 23.72 -11.83
CA ASN A 528 12.55 24.47 -11.75
C ASN A 528 13.69 23.76 -12.46
N TRP A 529 13.54 22.44 -12.67
CA TRP A 529 14.49 21.63 -13.41
C TRP A 529 14.39 21.92 -14.93
N ALA A 530 13.23 22.38 -15.40
CA ALA A 530 12.98 22.59 -16.85
C ALA A 530 13.64 23.84 -17.45
N VAL A 531 14.11 24.78 -16.60
CA VAL A 531 14.69 26.04 -17.06
C VAL A 531 16.20 26.17 -16.83
N LYS A 532 16.84 27.02 -17.65
CA LYS A 532 18.26 27.39 -17.65
C LYS A 532 18.57 28.25 -16.42
N THR A 533 17.86 29.40 -16.28
CA THR A 533 18.02 30.31 -15.15
C THR A 533 17.16 29.78 -14.00
N LYS A 534 17.78 29.00 -13.12
CA LYS A 534 17.14 28.37 -11.97
C LYS A 534 16.83 29.37 -10.87
N LEU A 535 15.57 29.40 -10.40
CA LEU A 535 15.15 30.24 -9.28
C LEU A 535 15.68 29.58 -8.01
N LYS A 536 15.97 30.39 -6.97
CA LYS A 536 16.42 29.89 -5.67
C LYS A 536 15.12 29.59 -4.92
N LEU A 537 14.88 28.31 -4.60
CA LEU A 537 13.63 27.90 -3.95
C LEU A 537 13.75 27.91 -2.46
N THR A 538 12.82 28.63 -1.82
CA THR A 538 12.80 28.80 -0.37
C THR A 538 11.65 27.99 0.27
N PRO A 539 11.72 27.65 1.58
CA PRO A 539 10.61 26.89 2.21
C PRO A 539 9.25 27.54 2.01
N LEU A 540 8.23 26.74 1.70
CA LEU A 540 6.88 27.23 1.52
C LEU A 540 6.25 27.36 2.91
N PRO A 541 5.67 28.54 3.28
CA PRO A 541 5.09 28.66 4.63
C PRO A 541 3.94 27.70 4.88
N GLU A 542 3.15 27.38 3.83
CA GLU A 542 2.01 26.49 3.89
C GLU A 542 2.40 25.02 4.16
N ALA A 543 3.69 24.65 3.98
CA ALA A 543 4.18 23.30 4.23
C ALA A 543 4.07 22.95 5.71
N ARG A 544 4.32 23.92 6.61
CA ARG A 544 4.23 23.75 8.06
C ARG A 544 2.78 23.64 8.55
N LEU A 545 1.85 24.34 7.86
CA LEU A 545 0.42 24.35 8.23
C LEU A 545 -0.37 23.09 7.82
N LEU A 546 0.22 22.20 6.99
CA LEU A 546 -0.52 21.00 6.54
C LEU A 546 -0.71 19.96 7.63
N ASP A 547 -1.93 19.48 7.81
CA ASP A 547 -2.17 18.40 8.76
C ASP A 547 -2.12 17.10 7.95
N LEU A 548 -0.94 16.47 7.91
CA LEU A 548 -0.76 15.21 7.21
C LEU A 548 -0.62 14.04 8.21
N SER A 549 -0.97 14.28 9.50
CA SER A 549 -0.86 13.31 10.59
C SER A 549 -1.59 11.99 10.31
N SER A 550 -2.81 12.07 9.75
CA SER A 550 -3.59 10.88 9.38
C SER A 550 -2.99 10.09 8.19
N TRP A 551 -1.97 10.63 7.50
CA TRP A 551 -1.36 9.94 6.36
C TRP A 551 -0.36 8.86 6.77
N PHE A 552 0.00 8.80 8.08
CA PHE A 552 1.03 7.88 8.57
C PHE A 552 0.49 6.80 9.45
N THR A 553 -0.37 5.98 8.86
CA THR A 553 -1.01 4.86 9.52
C THR A 553 -1.49 3.86 8.46
N VAL A 554 -1.89 2.66 8.90
CA VAL A 554 -2.44 1.60 8.05
C VAL A 554 -3.84 1.98 7.58
N GLY A 555 -4.28 1.40 6.49
CA GLY A 555 -5.63 1.60 5.99
C GLY A 555 -6.45 0.33 6.14
N ALA A 556 -7.57 0.26 5.44
CA ALA A 556 -8.51 -0.88 5.47
C ALA A 556 -8.53 -1.48 4.06
N GLY A 557 -8.37 -2.79 3.92
CA GLY A 557 -8.33 -3.46 2.62
C GLY A 557 -9.44 -3.04 1.68
N GLY A 558 -9.13 -2.65 0.45
CA GLY A 558 -10.24 -2.23 -0.41
C GLY A 558 -10.28 -0.96 -1.24
N GLY A 559 -9.87 0.22 -0.75
CA GLY A 559 -9.35 0.61 0.56
C GLY A 559 -10.42 1.45 1.23
N ASP A 560 -10.76 1.10 2.48
CA ASP A 560 -11.93 1.64 3.13
C ASP A 560 -11.73 2.66 4.25
N ILE A 561 -10.61 3.38 4.29
CA ILE A 561 -10.40 4.45 5.27
C ILE A 561 -10.27 5.74 4.46
N PHE A 562 -11.09 6.74 4.77
CA PHE A 562 -11.09 8.01 4.08
C PHE A 562 -10.34 9.08 4.89
N HIS A 563 -9.47 9.83 4.24
CA HIS A 563 -8.69 10.92 4.83
C HIS A 563 -9.00 12.22 4.09
N SER A 564 -9.75 13.12 4.73
CA SER A 564 -10.10 14.47 4.27
C SER A 564 -10.34 15.36 5.47
C13 7NG B . 9.26 1.71 0.05
C17 7NG B . 9.51 -0.58 2.96
C15 7NG B . 7.41 1.56 1.52
C20 7NG B . 9.65 -2.79 3.98
C21 7NG B . 5.42 3.01 1.24
C22 7NG B . 5.13 4.38 1.22
C23 7NG B . 3.94 4.88 1.73
C24 7NG B . 3.01 4.00 2.27
C11 7NG B . 7.44 3.00 -0.46
C27 7NG B . 3.78 6.38 1.73
C33 7NG B . 2.57 9.07 0.71
C1 7NG B . 14.02 -1.00 2.27
C2 7NG B . 14.73 -1.07 1.10
C3 7NG B . 14.20 -0.73 -0.11
C4 7NG B . 12.89 -0.27 -0.16
C5 7NG B . 12.14 -0.16 1.01
C6 7NG B . 12.72 -0.54 2.22
C7 7NG B . 10.77 0.37 0.96
C8 7NG B . 9.67 0.26 1.76
F9 7NG B . 16.03 -1.45 1.15
C10 7NG B . 6.74 2.52 0.75
N12 7NG B . 8.69 2.59 -0.75
C14 7NG B . 8.70 1.14 1.16
O16 7NG B . 10.54 1.24 -0.10
N18 7NG B . 9.72 -1.88 2.84
O19 7NG B . 9.16 -0.04 4.01
C25 7NG B . 3.26 2.63 2.27
C26 7NG B . 4.46 2.14 1.75
O28 7NG B . 4.76 7.13 1.66
C29 7NG B . 0.60 8.31 2.03
C30 7NG B . 2.12 8.30 1.94
N31 7NG B . 2.52 6.86 1.80
C32 7NG B . 2.73 8.90 3.19
N34 7NG B . 6.83 3.85 -1.31
C35 7NG B . 7.55 4.70 -2.28
C36 7NG B . 8.17 5.90 -1.61
H41 7NG B . 6.94 1.14 2.40
H45 7NG B . 9.69 -3.82 3.66
H43 7NG B . 8.72 -2.67 4.53
H44 7NG B . 10.46 -2.64 4.70
H46 7NG B . 5.88 5.05 0.81
H47 7NG B . 2.09 4.36 2.71
H59 7NG B . 2.04 10.02 0.64
H57 7NG B . 2.37 8.54 -0.23
H58 7NG B . 3.63 9.30 0.71
H37 7NG B . 14.45 -1.35 3.21
H38 7NG B . 14.79 -0.81 -1.03
H39 7NG B . 12.47 0.00 -1.12
H40 7NG B . 12.15 -0.44 3.14
H42 7NG B . 9.90 -2.30 1.93
H48 7NG B . 2.52 1.94 2.66
H49 7NG B . 4.64 1.06 1.75
H52 7NG B . 0.21 9.33 2.15
H50 7NG B . 0.24 7.74 2.88
H51 7NG B . 0.11 7.89 1.16
H53 7NG B . 1.74 6.22 1.69
H56 7NG B . 2.26 9.86 3.42
H55 7NG B . 3.79 9.10 3.11
H54 7NG B . 2.59 8.29 4.09
H60 7NG B . 5.82 3.87 -1.34
H61 7NG B . 8.31 4.12 -2.81
H62 7NG B . 6.86 5.04 -3.06
H65 7NG B . 8.75 5.65 -0.72
H64 7NG B . 7.43 6.64 -1.29
H63 7NG B . 8.85 6.42 -2.27
S SO4 C . -2.01 6.93 -31.01
O1 SO4 C . -2.56 8.03 -30.23
O2 SO4 C . -1.20 7.47 -32.08
O3 SO4 C . -1.18 6.08 -30.18
O4 SO4 C . -3.10 6.13 -31.54
S SO4 D . -5.92 -2.04 -1.22
O1 SO4 D . -7.20 -1.85 -1.91
O2 SO4 D . -5.04 -0.91 -1.47
O3 SO4 D . -6.17 -2.16 0.22
O4 SO4 D . -5.28 -3.28 -1.69
S SO4 E . 21.46 3.69 -8.46
O1 SO4 E . 20.26 4.11 -9.19
O2 SO4 E . 22.50 3.29 -9.41
O3 SO4 E . 21.95 4.80 -7.61
O4 SO4 E . 21.17 2.54 -7.58
S SO4 F . 1.96 -13.38 -4.51
O1 SO4 F . 1.45 -14.23 -5.58
O2 SO4 F . 2.43 -12.12 -5.08
O3 SO4 F . 3.07 -14.03 -3.80
O4 SO4 F . 0.87 -13.10 -3.57
C48 PE5 G . -26.78 -16.85 3.64
C50 PE5 G . -26.36 -15.45 3.99
O1 PE5 G . -26.46 -14.57 2.86
C1 PE5 G . -25.26 -14.37 2.13
C2 PE5 G . -25.51 -13.67 0.84
O2 PE5 G . -26.30 -14.49 -0.03
C3 PE5 G . -26.54 -13.88 -1.29
C4 PE5 G . -28.01 -13.61 -1.48
O3 PE5 G . -28.23 -12.24 -1.72
C5 PE5 G . -29.61 -11.87 -1.63
C6 PE5 G . -29.80 -10.67 -0.74
O4 PE5 G . -29.20 -10.90 0.53
C7 PE5 G . -29.51 -9.89 1.48
C8 PE5 G . -29.01 -10.29 2.85
O5 PE5 G . -27.62 -10.61 2.82
C9 PE5 G . -26.77 -9.48 3.03
C10 PE5 G . -25.58 -9.83 3.86
O6 PE5 G . -24.63 -10.55 3.08
C11 PE5 G . -23.50 -9.78 2.70
C12 PE5 G . -22.57 -10.58 1.87
O7 PE5 G . -23.31 -11.20 0.81
C13 PE5 G . -22.59 -11.24 -0.40
C14 PE5 G . -23.46 -11.62 -1.54
O8 PE5 G . -23.38 -10.64 -2.58
C15 PE5 G . -24.17 -10.96 -3.71
C16 PE5 G . -25.20 -9.90 -3.96
O52 PE5 G . -26.21 -10.34 -4.86
O1 PG4 H . 4.22 -5.85 -14.27
C1 PG4 H . 4.74 -4.96 -13.31
C2 PG4 H . 4.66 -5.50 -11.92
O2 PG4 H . 4.11 -4.52 -11.05
C3 PG4 H . 5.10 -3.85 -10.29
C4 PG4 H . 4.67 -3.72 -8.87
O3 PG4 H . 3.45 -2.99 -8.76
C5 PG4 H . 2.39 -3.79 -8.25
C6 PG4 H . 2.03 -3.40 -6.85
O4 PG4 H . 1.16 -2.29 -6.88
C7 PG4 H . -0.10 -2.55 -6.25
C8 PG4 H . -1.20 -2.54 -7.27
O5 PG4 H . -1.01 -3.58 -8.23
O1 PG4 I . 32.62 0.53 19.36
C1 PG4 I . 31.23 0.78 19.22
C2 PG4 I . 30.96 2.06 18.50
O2 PG4 I . 29.62 2.48 18.73
C3 PG4 I . 29.43 3.89 18.66
C4 PG4 I . 28.12 4.18 18.04
O3 PG4 I . 28.10 3.66 16.72
C5 PG4 I . 27.33 2.47 16.58
C6 PG4 I . 27.17 2.12 15.15
O4 PG4 I . 28.32 2.44 14.39
C7 PG4 I . 29.06 1.33 13.92
C8 PG4 I . 29.58 1.60 12.54
O5 PG4 I . 30.97 1.36 12.44
#